data_1UAJ
#
_entry.id   1UAJ
#
_cell.length_a   98.047
_cell.length_b   98.047
_cell.length_c   176.790
_cell.angle_alpha   90.00
_cell.angle_beta   90.00
_cell.angle_gamma   120.00
#
_symmetry.space_group_name_H-M   'H 3 2'
#
loop_
_entity.id
_entity.type
_entity.pdbx_description
1 polymer 'tRNA (Guanine-N(1)-)-methyltransferase'
2 water water
#
_entity_poly.entity_id   1
_entity_poly.type   'polypeptide(L)'
_entity_poly.pdbx_seq_one_letter_code
;MGSSHHHHHHSSGLVPRGSHMWIGVISLFPEMFKAITEFGVTGRAVKHNLLKVECWNPRDFTFDKHKTVDDRPYGGGPGM
LMMVQPLRDAIHTAKAAAGEGAKVIYLSPQGRKLDQGGVTELAQNQKLILVCGRYEGIDERLIQTEIDEEWSIGDYVLTG
GELPAMTLIDAVARFIPGVLGKQASAEEDSFADGLLDCPHYTRPEVLEGLTVPPVLMSGHHEEIRKWRLKQSLQRTWLRR
PELLEGLALTDEQRKLLKEAQAEHNSLEHHHHHH
;
_entity_poly.pdbx_strand_id   A
#
# COMPACT_ATOMS: atom_id res chain seq x y z
N GLY A 13 3.52 -14.60 -23.83
CA GLY A 13 3.74 -15.56 -22.71
C GLY A 13 2.45 -16.15 -22.18
N LEU A 14 2.38 -16.34 -20.87
CA LEU A 14 1.19 -16.90 -20.24
C LEU A 14 0.19 -15.82 -19.83
N VAL A 15 0.69 -14.62 -19.60
CA VAL A 15 -0.16 -13.50 -19.19
C VAL A 15 -0.75 -12.75 -20.37
N PRO A 16 -2.08 -12.56 -20.37
CA PRO A 16 -2.75 -11.84 -21.46
C PRO A 16 -2.37 -10.36 -21.47
N ARG A 17 -2.30 -9.78 -22.67
CA ARG A 17 -1.94 -8.38 -22.83
C ARG A 17 -2.99 -7.46 -22.21
N GLY A 18 -2.56 -6.28 -21.79
CA GLY A 18 -3.47 -5.32 -21.19
C GLY A 18 -3.79 -5.61 -19.73
N SER A 19 -2.96 -6.44 -19.09
CA SER A 19 -3.18 -6.77 -17.68
C SER A 19 -2.08 -6.20 -16.79
N HIS A 20 -1.10 -5.52 -17.39
CA HIS A 20 -0.02 -4.92 -16.64
C HIS A 20 -0.54 -3.66 -15.95
N MET A 21 0.12 -3.24 -14.88
CA MET A 21 -0.30 -2.05 -14.16
C MET A 21 0.72 -0.93 -14.37
N TRP A 22 0.22 0.27 -14.63
CA TRP A 22 1.08 1.41 -14.84
C TRP A 22 0.87 2.41 -13.72
N ILE A 23 1.95 2.91 -13.13
CA ILE A 23 1.82 3.89 -12.07
C ILE A 23 2.71 5.09 -12.30
N GLY A 24 2.06 6.24 -12.47
CA GLY A 24 2.79 7.48 -12.67
C GLY A 24 3.00 8.06 -11.29
N VAL A 25 4.16 8.66 -11.07
CA VAL A 25 4.47 9.24 -9.76
C VAL A 25 4.98 10.67 -9.88
N ILE A 26 4.44 11.55 -9.05
CA ILE A 26 4.87 12.95 -9.02
C ILE A 26 5.64 13.10 -7.71
N SER A 27 6.94 13.37 -7.80
CA SER A 27 7.76 13.48 -6.60
C SER A 27 9.04 14.28 -6.80
N LEU A 28 9.44 15.00 -5.76
CA LEU A 28 10.67 15.78 -5.80
C LEU A 28 11.87 14.84 -5.67
N PHE A 29 11.62 13.59 -5.30
CA PHE A 29 12.69 12.61 -5.12
C PHE A 29 12.41 11.29 -5.82
N PRO A 30 12.41 11.29 -7.16
CA PRO A 30 12.14 10.08 -7.96
C PRO A 30 13.05 8.90 -7.61
N GLU A 31 14.29 9.18 -7.24
CA GLU A 31 15.24 8.13 -6.91
C GLU A 31 14.82 7.26 -5.72
N MET A 32 13.94 7.78 -4.87
CA MET A 32 13.47 7.01 -3.73
C MET A 32 12.73 5.76 -4.19
N PHE A 33 12.09 5.85 -5.36
CA PHE A 33 11.32 4.70 -5.84
C PHE A 33 12.14 3.50 -6.29
N LYS A 34 13.46 3.64 -6.36
CA LYS A 34 14.31 2.51 -6.72
C LYS A 34 14.13 1.46 -5.61
N ALA A 35 13.74 1.92 -4.42
CA ALA A 35 13.54 1.01 -3.28
C ALA A 35 12.52 -0.08 -3.63
N ILE A 36 11.56 0.25 -4.48
CA ILE A 36 10.58 -0.76 -4.86
C ILE A 36 10.78 -1.29 -6.27
N THR A 37 11.37 -0.49 -7.16
CA THR A 37 11.57 -0.95 -8.53
C THR A 37 12.83 -1.80 -8.76
N GLU A 38 13.74 -1.79 -7.80
CA GLU A 38 14.97 -2.57 -7.95
C GLU A 38 15.13 -3.75 -6.99
N PHE A 39 14.20 -3.94 -6.06
CA PHE A 39 14.32 -5.03 -5.10
C PHE A 39 13.06 -5.83 -4.82
N GLY A 40 13.27 -7.10 -4.44
CA GLY A 40 12.17 -7.98 -4.10
C GLY A 40 11.16 -8.27 -5.19
N VAL A 41 10.01 -8.80 -4.79
CA VAL A 41 8.96 -9.14 -5.73
C VAL A 41 8.49 -7.96 -6.57
N THR A 42 8.48 -6.75 -6.00
CA THR A 42 8.06 -5.59 -6.77
C THR A 42 9.10 -5.32 -7.86
N GLY A 43 10.38 -5.51 -7.50
CA GLY A 43 11.45 -5.31 -8.46
C GLY A 43 11.35 -6.34 -9.58
N ARG A 44 10.95 -7.55 -9.22
CA ARG A 44 10.80 -8.62 -10.21
C ARG A 44 9.61 -8.31 -11.11
N ALA A 45 8.56 -7.72 -10.55
CA ALA A 45 7.39 -7.36 -11.33
C ALA A 45 7.79 -6.32 -12.38
N VAL A 46 8.64 -5.39 -11.98
CA VAL A 46 9.12 -4.36 -12.90
C VAL A 46 10.01 -4.98 -13.98
N LYS A 47 10.88 -5.90 -13.58
CA LYS A 47 11.77 -6.55 -14.53
C LYS A 47 11.01 -7.40 -15.55
N HIS A 48 9.90 -7.98 -15.11
CA HIS A 48 9.09 -8.83 -15.97
C HIS A 48 8.01 -8.04 -16.71
N ASN A 49 8.11 -6.72 -16.65
CA ASN A 49 7.16 -5.84 -17.33
C ASN A 49 5.72 -6.02 -16.88
N LEU A 50 5.53 -6.40 -15.63
CA LEU A 50 4.20 -6.58 -15.08
C LEU A 50 3.79 -5.27 -14.41
N LEU A 51 4.78 -4.57 -13.88
CA LEU A 51 4.54 -3.29 -13.21
C LEU A 51 5.43 -2.25 -13.86
N LYS A 52 4.86 -1.08 -14.10
CA LYS A 52 5.61 0.01 -14.71
C LYS A 52 5.46 1.24 -13.81
N VAL A 53 6.59 1.82 -13.41
CA VAL A 53 6.59 3.02 -12.56
C VAL A 53 7.33 4.11 -13.32
N GLU A 54 6.64 5.21 -13.59
CA GLU A 54 7.22 6.33 -14.33
C GLU A 54 7.11 7.58 -13.45
N CYS A 55 8.24 8.26 -13.23
CA CYS A 55 8.24 9.44 -12.37
C CYS A 55 8.47 10.77 -13.08
N TRP A 56 7.86 11.82 -12.52
CA TRP A 56 7.99 13.18 -13.00
C TRP A 56 8.29 14.02 -11.76
N ASN A 57 9.29 14.89 -11.89
CA ASN A 57 9.75 15.73 -10.77
C ASN A 57 9.34 17.19 -10.98
N PRO A 58 8.56 17.76 -10.03
CA PRO A 58 8.15 19.16 -10.17
C PRO A 58 9.31 20.11 -10.43
N ARG A 59 10.50 19.75 -9.94
CA ARG A 59 11.66 20.60 -10.13
C ARG A 59 12.00 20.80 -11.61
N ASP A 60 11.54 19.88 -12.45
CA ASP A 60 11.77 19.97 -13.89
C ASP A 60 10.72 20.81 -14.60
N PHE A 61 9.75 21.32 -13.83
CA PHE A 61 8.67 22.13 -14.39
C PHE A 61 8.69 23.57 -13.88
N THR A 62 9.87 24.04 -13.46
CA THR A 62 10.00 25.40 -12.96
C THR A 62 10.59 26.28 -14.06
N PHE A 63 10.49 27.60 -13.89
CA PHE A 63 11.04 28.50 -14.88
C PHE A 63 11.98 29.54 -14.32
N ASP A 64 12.22 29.52 -13.01
CA ASP A 64 13.12 30.49 -12.42
C ASP A 64 14.53 29.87 -12.34
N LYS A 65 15.54 30.72 -12.24
CA LYS A 65 16.92 30.27 -12.19
C LYS A 65 17.23 29.27 -11.07
N HIS A 66 16.53 29.40 -9.94
CA HIS A 66 16.77 28.52 -8.81
C HIS A 66 15.87 27.29 -8.71
N LYS A 67 15.08 27.04 -9.75
CA LYS A 67 14.18 25.88 -9.77
C LYS A 67 13.42 25.75 -8.46
N THR A 68 12.73 26.82 -8.09
CA THR A 68 11.97 26.86 -6.85
C THR A 68 10.72 26.00 -6.87
N VAL A 69 10.58 25.12 -5.88
CA VAL A 69 9.41 24.24 -5.83
C VAL A 69 8.55 24.40 -4.59
N ASP A 70 8.90 25.35 -3.71
CA ASP A 70 8.10 25.61 -2.51
C ASP A 70 7.59 27.05 -2.54
N ASP A 71 6.60 27.36 -1.71
CA ASP A 71 6.02 28.69 -1.68
C ASP A 71 5.41 28.95 -0.30
N ARG A 72 5.23 30.22 0.04
CA ARG A 72 4.66 30.64 1.32
C ARG A 72 3.15 30.50 1.37
N PRO A 73 2.63 30.06 2.52
CA PRO A 73 1.18 29.89 2.66
C PRO A 73 0.50 31.24 2.88
N TYR A 74 -0.66 31.42 2.27
CA TYR A 74 -1.40 32.66 2.47
C TYR A 74 -1.82 32.63 3.94
N GLY A 75 -1.80 33.78 4.59
CA GLY A 75 -2.17 33.83 6.00
C GLY A 75 -0.96 33.78 6.90
N GLY A 76 0.20 33.51 6.30
CA GLY A 76 1.43 33.44 7.05
C GLY A 76 1.71 32.12 7.73
N GLY A 77 2.83 32.07 8.45
CA GLY A 77 3.21 30.86 9.16
C GLY A 77 4.47 30.29 8.56
N PRO A 78 5.26 29.55 9.36
CA PRO A 78 6.52 28.95 8.88
C PRO A 78 6.32 27.67 8.05
N GLY A 79 5.08 27.20 7.99
CA GLY A 79 4.80 25.98 7.23
C GLY A 79 4.75 26.16 5.73
N MET A 80 5.84 25.84 5.04
CA MET A 80 5.92 25.97 3.59
C MET A 80 4.99 24.97 2.88
N LEU A 81 4.66 25.28 1.63
CA LEU A 81 3.79 24.41 0.83
C LEU A 81 4.43 24.19 -0.53
N MET A 82 4.01 23.16 -1.24
CA MET A 82 4.56 22.94 -2.58
C MET A 82 4.05 24.06 -3.48
N MET A 83 4.94 24.59 -4.32
CA MET A 83 4.54 25.65 -5.24
C MET A 83 3.52 25.05 -6.21
N VAL A 84 2.40 25.73 -6.38
CA VAL A 84 1.32 25.23 -7.25
C VAL A 84 1.68 24.96 -8.70
N GLN A 85 2.24 25.96 -9.38
CA GLN A 85 2.55 25.81 -10.80
C GLN A 85 3.42 24.61 -11.20
N PRO A 86 4.59 24.41 -10.56
CA PRO A 86 5.43 23.26 -10.94
C PRO A 86 4.75 21.92 -10.63
N LEU A 87 4.04 21.84 -9.51
CA LEU A 87 3.36 20.62 -9.11
C LEU A 87 2.20 20.30 -10.05
N ARG A 88 1.36 21.30 -10.30
CA ARG A 88 0.22 21.12 -11.20
C ARG A 88 0.68 20.72 -12.60
N ASP A 89 1.70 21.40 -13.10
CA ASP A 89 2.21 21.10 -14.43
C ASP A 89 2.78 19.69 -14.52
N ALA A 90 3.42 19.24 -13.45
CA ALA A 90 3.96 17.88 -13.42
C ALA A 90 2.79 16.90 -13.54
N ILE A 91 1.72 17.18 -12.79
CA ILE A 91 0.53 16.33 -12.83
C ILE A 91 -0.05 16.30 -14.26
N HIS A 92 -0.15 17.47 -14.88
CA HIS A 92 -0.69 17.56 -16.24
C HIS A 92 0.09 16.72 -17.24
N THR A 93 1.42 16.69 -17.09
CA THR A 93 2.25 15.90 -18.00
C THR A 93 2.03 14.41 -17.75
N ALA A 94 1.84 14.02 -16.49
CA ALA A 94 1.61 12.62 -16.17
C ALA A 94 0.25 12.21 -16.74
N LYS A 95 -0.74 13.10 -16.62
CA LYS A 95 -2.08 12.82 -17.14
C LYS A 95 -2.04 12.70 -18.67
N ALA A 96 -1.18 13.49 -19.31
CA ALA A 96 -1.03 13.45 -20.76
C ALA A 96 -0.50 12.09 -21.17
N ALA A 97 0.49 11.60 -20.44
CA ALA A 97 1.09 10.30 -20.73
C ALA A 97 0.14 9.14 -20.42
N ALA A 98 -0.59 9.24 -19.32
CA ALA A 98 -1.52 8.20 -18.90
C ALA A 98 -2.74 8.14 -19.78
N GLY A 99 -3.12 9.30 -20.33
CA GLY A 99 -4.29 9.35 -21.19
C GLY A 99 -5.58 9.12 -20.45
N GLU A 100 -6.45 8.32 -21.05
CA GLU A 100 -7.76 8.01 -20.49
C GLU A 100 -7.72 7.05 -19.30
N GLY A 101 -8.74 7.18 -18.45
CA GLY A 101 -8.85 6.33 -17.28
C GLY A 101 -7.67 6.25 -16.34
N ALA A 102 -7.22 7.39 -15.83
CA ALA A 102 -6.09 7.41 -14.90
C ALA A 102 -6.51 8.16 -13.64
N LYS A 103 -6.69 7.42 -12.55
CA LYS A 103 -7.09 8.02 -11.29
C LYS A 103 -5.89 8.68 -10.61
N VAL A 104 -6.06 9.94 -10.21
CA VAL A 104 -4.98 10.67 -9.55
C VAL A 104 -5.21 10.61 -8.04
N ILE A 105 -4.20 10.10 -7.35
CA ILE A 105 -4.25 9.90 -5.91
C ILE A 105 -3.28 10.79 -5.15
N TYR A 106 -3.75 11.42 -4.08
CA TYR A 106 -2.88 12.24 -3.24
C TYR A 106 -2.74 11.50 -1.90
N LEU A 107 -1.50 11.28 -1.47
CA LEU A 107 -1.25 10.58 -0.21
C LEU A 107 -1.13 11.59 0.94
N SER A 108 -1.97 11.46 1.96
CA SER A 108 -1.91 12.37 3.10
C SER A 108 -2.64 11.78 4.30
N PRO A 109 -2.27 12.21 5.52
CA PRO A 109 -2.93 11.70 6.72
C PRO A 109 -4.40 12.12 6.84
N GLN A 110 -4.83 13.01 5.96
CA GLN A 110 -6.22 13.46 5.97
C GLN A 110 -7.07 12.69 4.96
N GLY A 111 -6.46 11.73 4.28
CA GLY A 111 -7.21 10.96 3.29
C GLY A 111 -7.92 9.76 3.91
N ARG A 112 -8.62 9.01 3.08
CA ARG A 112 -9.34 7.82 3.53
C ARG A 112 -8.31 6.82 4.05
N LYS A 113 -8.59 6.20 5.19
CA LYS A 113 -7.66 5.23 5.77
C LYS A 113 -7.53 3.99 4.89
N LEU A 114 -6.28 3.69 4.52
CA LEU A 114 -6.02 2.52 3.69
C LEU A 114 -6.08 1.23 4.51
N ASP A 115 -6.74 0.23 3.96
CA ASP A 115 -6.82 -1.09 4.57
C ASP A 115 -6.89 -2.08 3.41
N GLN A 116 -6.84 -3.38 3.71
CA GLN A 116 -6.84 -4.36 2.63
C GLN A 116 -8.03 -4.22 1.67
N GLY A 117 -9.17 -3.77 2.19
CA GLY A 117 -10.33 -3.60 1.34
C GLY A 117 -10.05 -2.46 0.36
N GLY A 118 -9.40 -1.41 0.86
CA GLY A 118 -9.07 -0.28 0.01
C GLY A 118 -8.03 -0.65 -1.02
N VAL A 119 -7.07 -1.48 -0.63
CA VAL A 119 -6.03 -1.93 -1.53
C VAL A 119 -6.66 -2.71 -2.68
N THR A 120 -7.62 -3.55 -2.33
CA THR A 120 -8.30 -4.36 -3.33
C THR A 120 -9.00 -3.51 -4.39
N GLU A 121 -9.69 -2.47 -3.96
CA GLU A 121 -10.39 -1.64 -4.94
C GLU A 121 -9.42 -0.78 -5.75
N LEU A 122 -8.33 -0.34 -5.14
CA LEU A 122 -7.35 0.47 -5.87
C LEU A 122 -6.66 -0.38 -6.93
N ALA A 123 -6.47 -1.67 -6.64
CA ALA A 123 -5.82 -2.59 -7.56
C ALA A 123 -6.65 -2.85 -8.82
N GLN A 124 -7.93 -2.48 -8.76
CA GLN A 124 -8.82 -2.65 -9.90
C GLN A 124 -8.46 -1.67 -11.01
N ASN A 125 -7.62 -0.69 -10.69
CA ASN A 125 -7.20 0.32 -11.67
C ASN A 125 -5.96 -0.12 -12.44
N GLN A 126 -5.99 0.00 -13.76
CA GLN A 126 -4.85 -0.37 -14.58
C GLN A 126 -3.84 0.76 -14.61
N LYS A 127 -4.32 1.97 -14.36
CA LYS A 127 -3.48 3.15 -14.34
C LYS A 127 -3.78 4.01 -13.12
N LEU A 128 -2.71 4.47 -12.46
CA LEU A 128 -2.84 5.34 -11.30
C LEU A 128 -1.74 6.38 -11.38
N ILE A 129 -2.00 7.56 -10.83
CA ILE A 129 -0.99 8.62 -10.79
C ILE A 129 -0.94 8.99 -9.31
N LEU A 130 0.22 8.82 -8.69
CA LEU A 130 0.40 9.11 -7.27
C LEU A 130 1.13 10.43 -7.06
N VAL A 131 0.50 11.34 -6.33
CA VAL A 131 1.07 12.64 -6.04
C VAL A 131 1.67 12.65 -4.64
N CYS A 132 2.99 12.84 -4.57
CA CYS A 132 3.72 12.84 -3.30
C CYS A 132 4.04 14.26 -2.85
N GLY A 133 3.49 14.65 -1.70
CA GLY A 133 3.76 15.98 -1.22
C GLY A 133 4.95 16.06 -0.30
N ARG A 134 5.53 17.26 -0.21
CA ARG A 134 6.65 17.52 0.69
C ARG A 134 6.24 18.80 1.42
N TYR A 135 7.10 19.32 2.30
CA TYR A 135 6.76 20.52 3.06
C TYR A 135 5.47 20.23 3.84
N GLU A 136 4.61 21.21 4.00
CA GLU A 136 3.36 21.00 4.75
C GLU A 136 2.23 20.43 3.90
N GLY A 137 2.48 20.26 2.61
CA GLY A 137 1.45 19.72 1.74
C GLY A 137 1.24 20.52 0.46
N ILE A 138 0.03 20.42 -0.08
CA ILE A 138 -0.31 21.10 -1.31
C ILE A 138 -1.56 21.97 -1.16
N ASP A 139 -1.73 22.89 -2.10
CA ASP A 139 -2.86 23.80 -2.10
C ASP A 139 -4.20 23.06 -2.10
N GLU A 140 -5.08 23.46 -1.19
CA GLU A 140 -6.40 22.85 -1.05
C GLU A 140 -7.15 22.81 -2.39
N ARG A 141 -7.02 23.87 -3.17
CA ARG A 141 -7.73 23.94 -4.45
C ARG A 141 -7.25 22.89 -5.45
N LEU A 142 -5.98 22.48 -5.35
CA LEU A 142 -5.45 21.44 -6.24
C LEU A 142 -6.13 20.11 -5.96
N ILE A 143 -6.53 19.91 -4.71
CA ILE A 143 -7.22 18.68 -4.35
C ILE A 143 -8.53 18.66 -5.12
N GLN A 144 -9.12 19.84 -5.29
CA GLN A 144 -10.38 19.97 -5.99
C GLN A 144 -10.22 19.88 -7.51
N THR A 145 -9.20 20.52 -8.06
CA THR A 145 -9.00 20.53 -9.51
C THR A 145 -8.24 19.34 -10.12
N GLU A 146 -7.32 18.73 -9.37
CA GLU A 146 -6.53 17.64 -9.94
C GLU A 146 -6.58 16.28 -9.26
N ILE A 147 -6.94 16.26 -7.98
CA ILE A 147 -6.98 15.01 -7.24
C ILE A 147 -8.33 14.31 -7.29
N ASP A 148 -8.32 13.00 -7.55
CA ASP A 148 -9.56 12.23 -7.59
C ASP A 148 -9.86 11.65 -6.22
N GLU A 149 -8.85 11.08 -5.57
CA GLU A 149 -9.01 10.48 -4.25
C GLU A 149 -7.82 10.76 -3.36
N GLU A 150 -8.08 10.92 -2.07
CA GLU A 150 -7.02 11.17 -1.09
C GLU A 150 -6.97 9.93 -0.20
N TRP A 151 -5.77 9.40 0.03
CA TRP A 151 -5.61 8.22 0.87
C TRP A 151 -4.51 8.36 1.92
N SER A 152 -4.74 7.76 3.08
CA SER A 152 -3.79 7.78 4.19
C SER A 152 -3.38 6.36 4.56
N ILE A 153 -2.07 6.13 4.71
CA ILE A 153 -1.61 4.80 5.08
C ILE A 153 -1.65 4.60 6.59
N GLY A 154 -1.88 5.69 7.33
CA GLY A 154 -1.93 5.59 8.78
C GLY A 154 -2.03 6.94 9.49
N ASP A 155 -2.42 6.92 10.76
CA ASP A 155 -2.56 8.14 11.54
C ASP A 155 -1.26 8.54 12.26
N TYR A 156 -0.25 8.87 11.46
CA TYR A 156 1.03 9.30 11.98
C TYR A 156 1.59 10.30 10.98
N VAL A 157 2.43 11.21 11.45
CA VAL A 157 2.99 12.24 10.58
C VAL A 157 4.34 11.87 9.99
N LEU A 158 4.46 12.01 8.67
CA LEU A 158 5.69 11.70 7.95
C LEU A 158 6.26 12.95 7.28
N THR A 159 7.49 12.85 6.79
CA THR A 159 8.14 14.01 6.16
C THR A 159 7.78 14.19 4.68
N GLY A 160 7.11 13.21 4.10
CA GLY A 160 6.74 13.30 2.70
C GLY A 160 5.81 12.19 2.27
N GLY A 161 5.23 12.32 1.08
CA GLY A 161 4.31 11.30 0.59
C GLY A 161 4.94 10.13 -0.16
N GLU A 162 6.26 10.14 -0.32
CA GLU A 162 6.94 9.07 -1.03
C GLU A 162 6.84 7.68 -0.38
N LEU A 163 7.04 7.59 0.93
CA LEU A 163 6.94 6.29 1.58
C LEU A 163 5.49 5.80 1.49
N PRO A 164 4.51 6.69 1.72
CA PRO A 164 3.12 6.24 1.61
C PRO A 164 2.81 5.75 0.19
N ALA A 165 3.34 6.44 -0.82
CA ALA A 165 3.12 6.04 -2.20
C ALA A 165 3.75 4.68 -2.50
N MET A 166 4.97 4.46 -2.02
CA MET A 166 5.62 3.19 -2.26
C MET A 166 4.91 2.06 -1.53
N THR A 167 4.36 2.39 -0.36
CA THR A 167 3.63 1.40 0.43
C THR A 167 2.39 0.98 -0.36
N LEU A 168 1.72 1.97 -0.96
CA LEU A 168 0.52 1.69 -1.75
C LEU A 168 0.86 0.84 -2.97
N ILE A 169 1.94 1.17 -3.67
CA ILE A 169 2.35 0.42 -4.86
C ILE A 169 2.65 -1.03 -4.48
N ASP A 170 3.40 -1.20 -3.39
CA ASP A 170 3.76 -2.52 -2.91
C ASP A 170 2.50 -3.34 -2.62
N ALA A 171 1.53 -2.75 -1.94
CA ALA A 171 0.30 -3.45 -1.58
C ALA A 171 -0.54 -3.87 -2.81
N VAL A 172 -0.67 -2.97 -3.77
CA VAL A 172 -1.47 -3.28 -4.96
C VAL A 172 -0.74 -4.18 -5.95
N ALA A 173 0.58 -4.10 -5.96
CA ALA A 173 1.38 -4.92 -6.87
C ALA A 173 1.07 -6.41 -6.70
N ARG A 174 0.75 -6.80 -5.47
CA ARG A 174 0.44 -8.20 -5.16
C ARG A 174 -0.82 -8.70 -5.89
N PHE A 175 -1.59 -7.76 -6.43
CA PHE A 175 -2.82 -8.08 -7.15
C PHE A 175 -2.66 -8.13 -8.67
N ILE A 176 -1.47 -7.80 -9.14
CA ILE A 176 -1.19 -7.80 -10.58
C ILE A 176 -1.10 -9.21 -11.16
N PRO A 177 -1.86 -9.48 -12.24
CA PRO A 177 -1.81 -10.81 -12.86
C PRO A 177 -0.39 -11.13 -13.29
N GLY A 178 0.10 -12.31 -12.90
CA GLY A 178 1.44 -12.71 -13.26
C GLY A 178 2.36 -12.62 -12.06
N VAL A 179 1.94 -11.84 -11.05
CA VAL A 179 2.72 -11.70 -9.84
C VAL A 179 2.31 -12.79 -8.87
N LEU A 180 3.18 -13.81 -8.75
CA LEU A 180 2.95 -14.93 -7.86
C LEU A 180 1.80 -15.79 -8.35
N GLY A 194 -6.39 -13.02 4.66
CA GLY A 194 -7.27 -11.93 5.06
C GLY A 194 -7.05 -11.49 6.49
N LEU A 195 -7.23 -12.41 7.43
CA LEU A 195 -7.05 -12.12 8.85
C LEU A 195 -5.58 -12.21 9.22
N LEU A 196 -5.28 -12.03 10.50
CA LEU A 196 -3.89 -12.11 10.97
C LEU A 196 -3.42 -13.55 10.80
N ASP A 197 -2.16 -13.71 10.40
CA ASP A 197 -1.58 -15.02 10.18
C ASP A 197 -1.45 -15.85 11.45
N CYS A 198 -1.48 -17.16 11.28
CA CYS A 198 -1.32 -18.06 12.40
C CYS A 198 0.19 -18.08 12.67
N PRO A 199 0.60 -18.54 13.86
CA PRO A 199 2.03 -18.56 14.14
C PRO A 199 2.73 -19.49 13.14
N HIS A 200 3.93 -19.10 12.73
CA HIS A 200 4.71 -19.87 11.76
C HIS A 200 5.97 -20.42 12.42
N TYR A 201 6.41 -21.60 11.97
CA TYR A 201 7.61 -22.25 12.51
C TYR A 201 8.42 -22.91 11.40
N THR A 202 9.74 -22.91 11.55
CA THR A 202 10.64 -23.55 10.61
C THR A 202 11.80 -24.13 11.42
N ARG A 203 12.81 -24.71 10.77
CA ARG A 203 13.93 -25.30 11.53
C ARG A 203 14.57 -24.27 12.45
N PRO A 204 15.11 -24.72 13.61
CA PRO A 204 15.17 -26.08 14.14
C PRO A 204 13.92 -26.52 14.90
N GLU A 205 13.82 -27.82 15.19
CA GLU A 205 12.66 -28.33 15.92
C GLU A 205 12.60 -27.75 17.34
N VAL A 206 13.76 -27.50 17.93
CA VAL A 206 13.82 -26.93 19.27
C VAL A 206 14.77 -25.74 19.20
N LEU A 207 14.23 -24.54 19.41
CA LEU A 207 15.03 -23.32 19.36
C LEU A 207 15.21 -22.75 20.77
N GLU A 208 16.42 -22.84 21.30
CA GLU A 208 16.70 -22.35 22.64
C GLU A 208 15.71 -22.91 23.66
N GLY A 209 15.44 -24.22 23.54
CA GLY A 209 14.53 -24.88 24.44
C GLY A 209 13.06 -24.81 24.08
N LEU A 210 12.73 -24.01 23.07
CA LEU A 210 11.33 -23.84 22.65
C LEU A 210 11.01 -24.80 21.51
N THR A 211 10.00 -25.64 21.72
CA THR A 211 9.59 -26.63 20.73
C THR A 211 8.49 -26.20 19.79
N VAL A 212 8.46 -26.84 18.62
CA VAL A 212 7.45 -26.58 17.62
C VAL A 212 6.20 -27.35 18.01
N PRO A 213 5.01 -26.73 17.87
CA PRO A 213 3.77 -27.43 18.23
C PRO A 213 3.76 -28.80 17.57
N PRO A 214 3.58 -29.87 18.36
CA PRO A 214 3.55 -31.25 17.87
C PRO A 214 2.69 -31.50 16.63
N VAL A 215 1.52 -30.87 16.58
CA VAL A 215 0.63 -31.05 15.44
C VAL A 215 1.32 -30.73 14.11
N LEU A 216 2.18 -29.72 14.12
CA LEU A 216 2.88 -29.33 12.89
C LEU A 216 3.94 -30.35 12.47
N MET A 217 4.32 -31.23 13.40
CA MET A 217 5.33 -32.25 13.12
C MET A 217 4.68 -33.61 12.88
N SER A 218 3.35 -33.67 13.03
CA SER A 218 2.59 -34.91 12.89
C SER A 218 2.39 -35.42 11.46
N GLY A 219 2.42 -34.52 10.48
CA GLY A 219 2.22 -34.94 9.11
C GLY A 219 0.75 -35.12 8.79
N HIS A 220 -0.12 -34.84 9.76
CA HIS A 220 -1.56 -34.96 9.56
C HIS A 220 -2.10 -33.67 8.95
N HIS A 221 -2.19 -33.67 7.62
CA HIS A 221 -2.66 -32.53 6.83
C HIS A 221 -3.92 -31.86 7.36
N GLU A 222 -4.91 -32.66 7.75
CA GLU A 222 -6.16 -32.12 8.25
C GLU A 222 -6.06 -31.47 9.63
N GLU A 223 -5.39 -32.13 10.56
CA GLU A 223 -5.24 -31.58 11.89
C GLU A 223 -4.44 -30.27 11.82
N ILE A 224 -3.48 -30.22 10.91
CA ILE A 224 -2.66 -29.02 10.73
C ILE A 224 -3.49 -27.85 10.19
N ARG A 225 -4.31 -28.14 9.18
CA ARG A 225 -5.15 -27.11 8.58
C ARG A 225 -6.07 -26.49 9.62
N LYS A 226 -6.69 -27.34 10.44
CA LYS A 226 -7.61 -26.85 11.48
C LYS A 226 -6.89 -26.10 12.59
N TRP A 227 -5.72 -26.60 12.99
CA TRP A 227 -4.95 -25.95 14.04
C TRP A 227 -4.55 -24.54 13.62
N ARG A 228 -4.07 -24.42 12.38
CA ARG A 228 -3.65 -23.13 11.84
C ARG A 228 -4.79 -22.14 11.74
N LEU A 229 -5.95 -22.61 11.27
CA LEU A 229 -7.12 -21.75 11.14
C LEU A 229 -7.54 -21.24 12.52
N LYS A 230 -7.55 -22.14 13.49
CA LYS A 230 -7.95 -21.81 14.86
C LYS A 230 -7.04 -20.74 15.44
N GLN A 231 -5.73 -20.90 15.25
CA GLN A 231 -4.75 -19.94 15.76
C GLN A 231 -4.88 -18.59 15.07
N SER A 232 -5.18 -18.62 13.77
CA SER A 232 -5.34 -17.38 13.00
C SER A 232 -6.54 -16.61 13.52
N LEU A 233 -7.64 -17.33 13.75
CA LEU A 233 -8.86 -16.72 14.25
C LEU A 233 -8.67 -16.16 15.66
N GLN A 234 -7.99 -16.93 16.50
CA GLN A 234 -7.74 -16.51 17.88
C GLN A 234 -6.91 -15.23 17.91
N ARG A 235 -5.83 -15.21 17.13
CA ARG A 235 -4.96 -14.04 17.09
C ARG A 235 -5.66 -12.83 16.50
N THR A 236 -6.49 -13.03 15.48
CA THR A 236 -7.21 -11.93 14.86
C THR A 236 -8.19 -11.36 15.89
N TRP A 237 -8.85 -12.26 16.63
CA TRP A 237 -9.81 -11.87 17.66
C TRP A 237 -9.16 -11.07 18.78
N LEU A 238 -8.01 -11.53 19.25
CA LEU A 238 -7.30 -10.87 20.34
C LEU A 238 -6.58 -9.58 19.94
N ARG A 239 -6.01 -9.54 18.75
CA ARG A 239 -5.26 -8.37 18.31
C ARG A 239 -5.97 -7.41 17.36
N ARG A 240 -6.79 -7.93 16.46
CA ARG A 240 -7.52 -7.10 15.50
C ARG A 240 -8.97 -7.54 15.32
N PRO A 241 -9.75 -7.56 16.41
CA PRO A 241 -11.15 -7.98 16.32
C PRO A 241 -11.95 -7.21 15.27
N GLU A 242 -11.48 -6.00 14.94
CA GLU A 242 -12.16 -5.16 13.96
C GLU A 242 -12.22 -5.82 12.58
N LEU A 243 -11.22 -6.64 12.27
CA LEU A 243 -11.19 -7.33 10.99
C LEU A 243 -12.30 -8.36 10.85
N LEU A 244 -12.76 -8.87 11.99
CA LEU A 244 -13.82 -9.86 12.01
C LEU A 244 -15.15 -9.21 11.64
N GLU A 245 -15.35 -7.99 12.11
CA GLU A 245 -16.56 -7.23 11.82
C GLU A 245 -16.60 -6.92 10.33
N GLY A 246 -17.60 -7.45 9.64
CA GLY A 246 -17.72 -7.22 8.22
C GLY A 246 -17.42 -8.45 7.39
N LEU A 247 -17.32 -9.60 8.07
CA LEU A 247 -17.04 -10.86 7.40
C LEU A 247 -17.85 -11.98 8.05
N ALA A 248 -18.68 -12.65 7.26
CA ALA A 248 -19.49 -13.75 7.77
C ALA A 248 -18.68 -15.03 7.69
N LEU A 249 -17.97 -15.34 8.77
CA LEU A 249 -17.13 -16.53 8.86
C LEU A 249 -17.85 -17.82 8.49
N THR A 250 -17.07 -18.82 8.06
CA THR A 250 -17.63 -20.11 7.69
C THR A 250 -18.04 -20.82 8.98
N ASP A 251 -18.84 -21.87 8.85
CA ASP A 251 -19.29 -22.63 10.01
C ASP A 251 -18.08 -23.13 10.81
N GLU A 252 -17.09 -23.66 10.10
CA GLU A 252 -15.88 -24.17 10.73
C GLU A 252 -15.13 -23.09 11.51
N GLN A 253 -14.94 -21.93 10.89
CA GLN A 253 -14.25 -20.83 11.55
C GLN A 253 -14.97 -20.43 12.83
N ARG A 254 -16.30 -20.33 12.77
CA ARG A 254 -17.07 -19.97 13.96
C ARG A 254 -16.89 -20.99 15.08
N LYS A 255 -16.83 -22.27 14.73
CA LYS A 255 -16.65 -23.32 15.73
C LYS A 255 -15.28 -23.24 16.39
N LEU A 256 -14.25 -23.10 15.56
CA LEU A 256 -12.89 -23.00 16.06
C LEU A 256 -12.66 -21.74 16.88
N LEU A 257 -13.22 -20.62 16.42
CA LEU A 257 -13.07 -19.35 17.15
C LEU A 257 -13.75 -19.47 18.51
N LYS A 258 -14.94 -20.08 18.52
CA LYS A 258 -15.69 -20.25 19.76
C LYS A 258 -14.85 -21.04 20.76
N GLU A 259 -14.24 -22.12 20.29
CA GLU A 259 -13.40 -22.96 21.14
C GLU A 259 -12.22 -22.16 21.69
N ALA A 260 -11.57 -21.41 20.81
CA ALA A 260 -10.42 -20.60 21.19
C ALA A 260 -10.80 -19.59 22.27
N GLN A 261 -11.93 -18.92 22.09
CA GLN A 261 -12.38 -17.92 23.06
C GLN A 261 -12.64 -18.53 24.42
N ALA A 262 -13.26 -19.71 24.43
CA ALA A 262 -13.56 -20.40 25.68
C ALA A 262 -12.27 -20.83 26.38
N GLU A 263 -11.32 -21.33 25.60
CA GLU A 263 -10.04 -21.79 26.12
C GLU A 263 -9.21 -20.63 26.65
N HIS A 264 -9.24 -19.50 25.95
CA HIS A 264 -8.48 -18.32 26.35
C HIS A 264 -8.94 -17.85 27.73
N ASN A 265 -10.25 -17.80 27.93
CA ASN A 265 -10.81 -17.37 29.21
C ASN A 265 -10.46 -18.35 30.32
N SER A 266 -11.12 -19.49 30.32
CA SER A 266 -10.88 -20.52 31.33
C SER A 266 -9.53 -21.20 31.11
#